data_3A25
#
_entry.id   3A25
#
_cell.length_a   131.603
_cell.length_b   131.603
_cell.length_c   99.358
_cell.angle_alpha   90.00
_cell.angle_beta   90.00
_cell.angle_gamma   120.00
#
_symmetry.space_group_name_H-M   'H 3'
#
loop_
_entity.id
_entity.type
_entity.pdbx_description
1 polymer 'Uncharacterized protein PH0793'
2 non-polymer S-ADENOSYLMETHIONINE
3 water water
#
_entity_poly.entity_id   1
_entity_poly.type   'polypeptide(L)'
_entity_poly.pdbx_seq_one_letter_code
;MGSSHHHHHHSSGLEVLFQGPLHMRTQGIKPRIREILSKELPEELVKLLPKRWVRIGDVLLLPLRPELEPYKHRIAEVYA
EVLGVKTVLRKGHIHGETRKPDYELLYGSDTVTVHVENGIKYKLDVAKIMFSPANVKERVRMAKVAKPDELVVDMFAGIG
HLSLPIAVYGKAKVIAIEKDPYTFKFLVENIHLNKVEDRMSAYNMDNRDFPGENIADRILMGYVVRTHEFIPKALSIAKD
GAIIHYHNTVPEKLMPREPFETFKRITKEYGYDVEKLNELKIKRYAPGVWHVVLDLRVFKS
;
_entity_poly.pdbx_strand_id   A
#
loop_
_chem_comp.id
_chem_comp.type
_chem_comp.name
_chem_comp.formula
SAM non-polymer S-ADENOSYLMETHIONINE 'C15 H22 N6 O5 S'
#
# COMPACT_ATOMS: atom_id res chain seq x y z
N ILE A 29 19.45 21.63 -9.50
CA ILE A 29 20.07 20.52 -8.80
C ILE A 29 19.26 19.23 -9.00
N LYS A 30 19.29 18.61 -10.19
N LYS A 30 19.29 18.61 -10.19
CA LYS A 30 20.21 18.84 -11.34
CA LYS A 30 20.16 18.88 -11.36
C LYS A 30 21.52 19.67 -11.25
C LYS A 30 21.50 19.67 -11.28
N PRO A 31 21.48 20.99 -11.49
CA PRO A 31 22.76 21.73 -11.54
C PRO A 31 23.92 21.16 -10.71
N ARG A 32 23.69 20.95 -9.42
CA ARG A 32 24.74 20.39 -8.55
C ARG A 32 25.12 18.98 -9.02
N ILE A 33 24.12 18.17 -9.35
CA ILE A 33 24.35 16.83 -9.87
C ILE A 33 25.14 16.83 -11.18
N ARG A 34 24.77 17.74 -12.07
CA ARG A 34 25.46 17.92 -13.33
C ARG A 34 26.89 18.46 -13.14
N GLU A 35 27.09 19.31 -12.14
CA GLU A 35 28.43 19.83 -11.88
C GLU A 35 29.39 18.74 -11.38
N ILE A 36 28.91 17.87 -10.50
CA ILE A 36 29.76 16.80 -9.98
C ILE A 36 30.00 15.72 -11.02
N LEU A 37 28.91 15.19 -11.59
CA LEU A 37 28.99 14.02 -12.46
C LEU A 37 29.64 14.32 -13.83
N SER A 38 29.49 15.56 -14.29
CA SER A 38 30.06 15.94 -15.57
C SER A 38 31.57 15.80 -15.53
N LYS A 39 32.10 15.66 -14.32
CA LYS A 39 33.54 15.60 -14.10
C LYS A 39 34.07 14.18 -14.31
N GLU A 40 33.15 13.23 -14.38
CA GLU A 40 33.53 11.82 -14.40
C GLU A 40 32.81 11.10 -15.52
N LEU A 41 31.81 11.77 -16.08
CA LEU A 41 31.03 11.16 -17.15
C LEU A 41 31.14 11.95 -18.44
N PRO A 42 31.35 11.24 -19.56
CA PRO A 42 31.26 11.85 -20.89
C PRO A 42 29.91 12.54 -21.06
N GLU A 43 29.90 13.72 -21.66
CA GLU A 43 28.67 14.51 -21.82
C GLU A 43 27.46 13.72 -22.33
N GLU A 44 27.71 12.69 -23.13
CA GLU A 44 26.63 11.88 -23.70
C GLU A 44 25.92 11.06 -22.63
N LEU A 45 26.68 10.52 -21.68
CA LEU A 45 26.04 9.79 -20.59
C LEU A 45 25.38 10.75 -19.60
N VAL A 46 25.98 11.92 -19.39
CA VAL A 46 25.39 12.92 -18.49
C VAL A 46 23.96 13.25 -18.90
N LYS A 47 23.73 13.39 -20.20
CA LYS A 47 22.41 13.72 -20.69
C LYS A 47 21.34 12.71 -20.26
N LEU A 48 21.75 11.46 -20.08
CA LEU A 48 20.82 10.39 -19.71
C LEU A 48 20.55 10.25 -18.20
N LEU A 49 21.19 11.07 -17.36
CA LEU A 49 21.00 10.94 -15.92
C LEU A 49 19.53 11.07 -15.50
N PRO A 50 19.14 10.32 -14.46
CA PRO A 50 17.76 10.27 -13.95
C PRO A 50 17.18 11.66 -13.70
N LYS A 51 15.95 11.88 -14.16
CA LYS A 51 15.33 13.19 -14.06
C LYS A 51 14.22 13.17 -13.01
N ARG A 52 13.77 11.98 -12.64
CA ARG A 52 12.79 11.86 -11.55
C ARG A 52 13.16 10.70 -10.63
N TRP A 53 12.50 10.64 -9.48
CA TRP A 53 12.76 9.60 -8.50
C TRP A 53 11.63 9.63 -7.51
N VAL A 54 11.57 8.57 -6.69
CA VAL A 54 10.59 8.49 -5.65
C VAL A 54 11.33 8.45 -4.32
N ARG A 55 10.82 9.22 -3.38
CA ARG A 55 11.41 9.29 -2.07
C ARG A 55 10.43 8.78 -1.03
N ILE A 56 10.90 7.90 -0.17
CA ILE A 56 10.09 7.35 0.89
C ILE A 56 10.88 7.50 2.17
N GLY A 57 10.46 8.42 3.06
CA GLY A 57 11.31 8.76 4.19
C GLY A 57 12.64 9.28 3.65
N ASP A 58 13.75 8.74 4.14
CA ASP A 58 15.08 9.05 3.61
C ASP A 58 15.64 7.93 2.76
N VAL A 59 14.77 7.16 2.10
CA VAL A 59 15.27 6.25 1.09
C VAL A 59 14.80 6.72 -0.28
N LEU A 60 15.63 6.52 -1.30
CA LEU A 60 15.37 7.00 -2.64
C LEU A 60 15.22 5.80 -3.54
N LEU A 61 14.15 5.81 -4.35
CA LEU A 61 13.99 4.86 -5.45
C LEU A 61 14.46 5.55 -6.72
N LEU A 62 15.50 5.04 -7.32
CA LEU A 62 16.09 5.72 -8.45
C LEU A 62 16.10 4.82 -9.66
N PRO A 63 15.44 5.26 -10.74
CA PRO A 63 15.38 4.55 -12.02
C PRO A 63 16.65 4.84 -12.79
N LEU A 64 17.13 3.90 -13.61
CA LEU A 64 18.41 4.10 -14.28
C LEU A 64 18.44 3.51 -15.69
N ARG A 65 18.87 4.30 -16.67
CA ARG A 65 19.03 3.79 -18.03
C ARG A 65 20.13 2.72 -18.12
N PRO A 66 19.96 1.75 -19.05
CA PRO A 66 20.95 0.66 -19.18
C PRO A 66 22.39 1.15 -19.42
N GLU A 67 22.57 2.22 -20.18
CA GLU A 67 23.92 2.70 -20.47
C GLU A 67 24.67 3.26 -19.25
N LEU A 68 23.96 3.46 -18.15
CA LEU A 68 24.56 4.02 -16.93
C LEU A 68 24.97 2.92 -15.93
N GLU A 69 24.59 1.68 -16.24
CA GLU A 69 24.95 0.51 -15.42
C GLU A 69 26.38 0.50 -14.86
N PRO A 70 27.38 0.64 -15.73
CA PRO A 70 28.78 0.62 -15.27
C PRO A 70 29.01 1.62 -14.14
N TYR A 71 28.22 2.69 -14.10
CA TYR A 71 28.41 3.77 -13.13
C TYR A 71 27.34 3.80 -12.06
N LYS A 72 26.48 2.78 -12.05
CA LYS A 72 25.50 2.56 -10.99
C LYS A 72 25.79 3.26 -9.66
N HIS A 73 26.83 2.79 -8.99
CA HIS A 73 27.09 3.14 -7.61
C HIS A 73 27.46 4.62 -7.44
N ARG A 74 28.39 5.10 -8.27
CA ARG A 74 28.82 6.48 -8.16
C ARG A 74 27.66 7.47 -8.38
N ILE A 75 26.76 7.15 -9.32
CA ILE A 75 25.61 8.03 -9.59
C ILE A 75 24.63 8.03 -8.42
N ALA A 76 24.33 6.84 -7.93
CA ALA A 76 23.46 6.72 -6.79
C ALA A 76 24.08 7.51 -5.63
N GLU A 77 25.41 7.51 -5.59
CA GLU A 77 26.14 8.16 -4.49
C GLU A 77 25.94 9.68 -4.51
N VAL A 78 26.08 10.30 -5.67
CA VAL A 78 25.90 11.75 -5.71
C VAL A 78 24.44 12.16 -5.57
N TYR A 79 23.55 11.34 -6.08
CA TYR A 79 22.13 11.61 -5.92
C TYR A 79 21.80 11.56 -4.44
N ALA A 80 22.30 10.53 -3.77
CA ALA A 80 22.15 10.43 -2.32
C ALA A 80 22.57 11.74 -1.62
N GLU A 81 23.75 12.27 -1.94
CA GLU A 81 24.17 13.45 -1.20
C GLU A 81 23.34 14.70 -1.57
N VAL A 82 23.09 14.96 -2.85
CA VAL A 82 22.38 16.21 -3.14
C VAL A 82 20.89 16.18 -2.80
N LEU A 83 20.30 14.99 -2.77
CA LEU A 83 18.90 14.85 -2.41
C LEU A 83 18.72 14.61 -0.91
N GLY A 84 19.80 14.34 -0.19
CA GLY A 84 19.69 14.13 1.25
C GLY A 84 18.95 12.88 1.70
N VAL A 85 19.35 11.72 1.17
CA VAL A 85 18.81 10.43 1.59
C VAL A 85 19.96 9.55 2.04
N LYS A 86 19.69 8.57 2.91
CA LYS A 86 20.75 7.68 3.38
C LYS A 86 21.01 6.48 2.48
N THR A 87 20.03 6.12 1.64
CA THR A 87 20.11 4.89 0.84
C THR A 87 19.39 5.07 -0.48
N VAL A 88 19.94 4.49 -1.54
CA VAL A 88 19.33 4.52 -2.84
C VAL A 88 19.09 3.10 -3.32
N LEU A 89 17.83 2.78 -3.62
CA LEU A 89 17.50 1.53 -4.30
C LEU A 89 17.16 1.81 -5.76
N ARG A 90 17.39 0.82 -6.62
CA ARG A 90 16.96 0.93 -8.01
C ARG A 90 15.44 0.92 -8.08
N LYS A 91 14.87 1.83 -8.89
CA LYS A 91 13.43 1.87 -9.02
C LYS A 91 12.91 0.61 -9.72
N GLY A 92 13.39 0.35 -10.92
CA GLY A 92 12.95 -0.83 -11.65
C GLY A 92 11.44 -1.01 -11.72
N ASP A 102 12.07 -6.93 -3.58
CA ASP A 102 11.78 -6.24 -4.84
C ASP A 102 13.02 -5.52 -5.48
N TYR A 103 13.83 -4.81 -4.67
CA TYR A 103 14.72 -3.73 -5.14
C TYR A 103 16.23 -3.91 -4.91
N GLU A 104 17.02 -3.49 -5.90
CA GLU A 104 18.49 -3.58 -5.84
C GLU A 104 19.11 -2.38 -5.11
N LEU A 105 19.99 -2.68 -4.16
CA LEU A 105 20.65 -1.65 -3.37
C LEU A 105 21.78 -1.03 -4.20
N LEU A 106 21.66 0.27 -4.48
CA LEU A 106 22.65 0.95 -5.31
C LEU A 106 23.67 1.69 -4.45
N TYR A 107 23.20 2.24 -3.34
CA TYR A 107 24.09 2.96 -2.46
C TYR A 107 23.50 3.00 -1.06
N GLY A 108 24.36 2.82 -0.05
CA GLY A 108 23.93 2.80 1.34
C GLY A 108 23.69 1.39 1.86
N SER A 109 22.94 1.27 2.95
CA SER A 109 22.69 -0.03 3.58
C SER A 109 21.39 -0.10 4.40
N ASP A 110 20.89 1.03 4.87
CA ASP A 110 19.79 1.03 5.80
C ASP A 110 18.47 1.30 5.07
N THR A 111 17.64 0.28 4.87
CA THR A 111 16.39 0.46 4.13
C THR A 111 15.18 0.74 5.01
N VAL A 112 15.40 0.78 6.32
CA VAL A 112 14.32 1.09 7.25
C VAL A 112 14.25 2.60 7.42
N THR A 113 13.05 3.14 7.38
CA THR A 113 12.86 4.57 7.52
C THR A 113 11.43 4.81 7.97
N VAL A 114 11.12 6.03 8.37
CA VAL A 114 9.75 6.37 8.73
C VAL A 114 9.26 7.35 7.70
N HIS A 115 8.15 7.04 7.06
CA HIS A 115 7.64 7.90 5.99
C HIS A 115 6.39 8.58 6.49
N VAL A 116 6.31 9.90 6.30
CA VAL A 116 5.16 10.66 6.76
C VAL A 116 4.28 10.99 5.57
N GLU A 117 2.98 10.73 5.70
CA GLU A 117 2.05 10.99 4.62
C GLU A 117 0.74 11.42 5.22
N ASN A 118 0.23 12.56 4.75
CA ASN A 118 -1.04 13.09 5.22
C ASN A 118 -1.16 13.01 6.74
N GLY A 119 -0.09 13.34 7.44
CA GLY A 119 -0.12 13.34 8.89
C GLY A 119 0.13 11.99 9.54
N ILE A 120 0.32 10.95 8.73
CA ILE A 120 0.56 9.62 9.30
C ILE A 120 2.03 9.24 9.27
N LYS A 121 2.49 8.63 10.35
CA LYS A 121 3.84 8.06 10.41
C LYS A 121 3.83 6.58 10.05
N TYR A 122 4.60 6.22 9.02
CA TYR A 122 4.67 4.85 8.57
C TYR A 122 6.10 4.34 8.60
N LYS A 123 6.49 3.62 9.63
CA LYS A 123 7.80 2.97 9.62
C LYS A 123 7.73 1.75 8.71
N LEU A 124 8.79 1.47 7.96
CA LEU A 124 8.80 0.31 7.08
C LEU A 124 10.22 -0.02 6.62
N ASP A 125 10.41 -1.23 6.09
CA ASP A 125 11.64 -1.57 5.42
C ASP A 125 11.39 -1.45 3.92
N VAL A 126 11.88 -0.38 3.35
CA VAL A 126 11.52 -0.02 1.99
C VAL A 126 11.88 -1.10 0.98
N ALA A 127 12.83 -1.96 1.35
CA ALA A 127 13.28 -3.00 0.43
C ALA A 127 12.43 -4.27 0.50
N LYS A 128 11.82 -4.51 1.66
CA LYS A 128 11.08 -5.75 1.88
C LYS A 128 9.57 -5.59 1.80
N ILE A 129 9.10 -4.37 1.99
CA ILE A 129 7.67 -4.13 2.14
C ILE A 129 7.22 -3.11 1.11
N MET A 130 6.19 -3.45 0.34
CA MET A 130 5.74 -2.54 -0.69
C MET A 130 4.95 -1.37 -0.09
N PHE A 131 5.10 -0.22 -0.72
CA PHE A 131 4.42 0.99 -0.29
C PHE A 131 4.63 2.03 -1.38
N SER A 132 3.61 2.26 -2.19
CA SER A 132 3.75 3.21 -3.29
C SER A 132 2.86 4.43 -3.07
N PRO A 133 3.46 5.65 -3.09
CA PRO A 133 2.62 6.86 -3.16
C PRO A 133 1.79 6.90 -4.44
N ALA A 134 2.07 5.98 -5.37
CA ALA A 134 1.19 5.74 -6.50
C ALA A 134 -0.18 5.20 -6.04
N ASN A 135 -0.40 5.20 -4.72
CA ASN A 135 -1.64 4.73 -4.10
C ASN A 135 -2.12 5.69 -3.01
N VAL A 136 -1.50 6.87 -2.94
CA VAL A 136 -1.75 7.78 -1.81
C VAL A 136 -3.18 8.31 -1.75
N LYS A 137 -3.80 8.48 -2.91
CA LYS A 137 -5.19 8.93 -2.94
C LYS A 137 -6.06 8.01 -2.10
N GLU A 138 -5.92 6.70 -2.34
CA GLU A 138 -6.69 5.74 -1.59
C GLU A 138 -6.44 5.85 -0.08
N ARG A 139 -5.18 6.07 0.30
CA ARG A 139 -4.89 6.24 1.72
C ARG A 139 -5.52 7.52 2.25
N VAL A 140 -5.67 8.52 1.39
CA VAL A 140 -6.33 9.77 1.78
C VAL A 140 -7.83 9.53 1.94
N ARG A 141 -8.45 8.98 0.90
CA ARG A 141 -9.84 8.54 0.95
C ARG A 141 -10.19 7.82 2.24
N MET A 142 -9.35 6.86 2.64
CA MET A 142 -9.59 6.05 3.82
C MET A 142 -9.69 6.89 5.09
N ALA A 143 -9.09 8.08 5.04
CA ALA A 143 -9.06 8.98 6.21
C ALA A 143 -10.45 9.53 6.52
N LYS A 144 -11.31 9.49 5.50
CA LYS A 144 -12.66 10.06 5.58
C LYS A 144 -13.76 9.04 5.93
N VAL A 145 -13.75 7.88 5.26
CA VAL A 145 -14.90 6.97 5.22
C VAL A 145 -15.48 6.44 6.54
N ALA A 146 -14.68 6.37 7.60
CA ALA A 146 -15.15 5.74 8.84
C ALA A 146 -15.77 6.68 9.88
N LYS A 147 -16.69 6.15 10.67
CA LYS A 147 -17.33 6.89 11.74
C LYS A 147 -16.86 6.33 13.08
N PRO A 148 -16.69 7.22 14.08
CA PRO A 148 -16.04 6.91 15.36
C PRO A 148 -16.53 5.62 16.04
N ASP A 149 -17.73 5.19 15.70
CA ASP A 149 -18.37 4.08 16.42
C ASP A 149 -18.02 2.71 15.85
N GLU A 150 -17.72 2.69 14.54
CA GLU A 150 -17.49 1.47 13.79
C GLU A 150 -16.39 0.57 14.37
N LEU A 151 -16.60 -0.73 14.24
CA LEU A 151 -15.49 -1.68 14.35
C LEU A 151 -15.04 -1.97 12.93
N VAL A 152 -13.73 -1.92 12.73
CA VAL A 152 -13.17 -2.06 11.40
C VAL A 152 -12.17 -3.19 11.46
N VAL A 153 -12.22 -4.09 10.48
CA VAL A 153 -11.27 -5.18 10.45
C VAL A 153 -10.47 -5.07 9.15
N ASP A 154 -9.14 -5.07 9.30
CA ASP A 154 -8.25 -4.97 8.14
C ASP A 154 -7.66 -6.34 7.92
N MET A 155 -8.05 -6.98 6.84
CA MET A 155 -7.72 -8.38 6.63
C MET A 155 -6.31 -8.60 6.08
N PHE A 156 -5.64 -7.51 5.76
CA PHE A 156 -4.36 -7.57 5.06
C PHE A 156 -3.61 -6.32 5.46
N ALA A 157 -3.34 -6.17 6.76
CA ALA A 157 -2.94 -4.88 7.32
C ALA A 157 -1.66 -4.25 6.74
N GLY A 158 -0.65 -5.06 6.44
CA GLY A 158 0.64 -4.53 6.03
C GLY A 158 1.26 -3.84 7.22
N ILE A 159 1.65 -2.58 7.04
CA ILE A 159 2.21 -1.80 8.15
C ILE A 159 1.15 -0.86 8.71
N GLY A 160 -0.06 -0.93 8.14
CA GLY A 160 -1.14 -0.07 8.59
C GLY A 160 -1.57 0.82 7.45
N HIS A 161 -1.13 0.46 6.24
CA HIS A 161 -1.40 1.24 5.02
C HIS A 161 -2.76 1.94 5.07
N LEU A 162 -3.81 1.14 5.22
CA LEU A 162 -5.17 1.62 5.03
C LEU A 162 -5.87 1.85 6.36
N SER A 163 -5.40 1.16 7.38
CA SER A 163 -6.06 1.15 8.67
C SER A 163 -5.65 2.31 9.56
N LEU A 164 -4.39 2.75 9.45
CA LEU A 164 -3.93 3.87 10.27
C LEU A 164 -4.75 5.13 9.98
N PRO A 165 -4.96 5.45 8.69
CA PRO A 165 -5.81 6.62 8.45
C PRO A 165 -7.14 6.53 9.18
N ILE A 166 -7.78 5.36 9.16
CA ILE A 166 -9.06 5.17 9.84
C ILE A 166 -8.93 5.39 11.36
N ALA A 167 -7.98 4.72 11.99
CA ALA A 167 -7.78 4.90 13.43
C ALA A 167 -7.49 6.36 13.83
N VAL A 168 -6.72 7.07 13.00
CA VAL A 168 -6.27 8.43 13.32
C VAL A 168 -7.28 9.53 13.01
N TYR A 169 -7.88 9.49 11.82
CA TYR A 169 -8.84 10.52 11.40
C TYR A 169 -10.31 10.17 11.68
N GLY A 170 -10.70 8.93 11.40
CA GLY A 170 -12.06 8.48 11.64
C GLY A 170 -12.36 8.16 13.10
N LYS A 171 -11.34 7.66 13.81
CA LYS A 171 -11.43 7.38 15.25
C LYS A 171 -12.20 6.09 15.62
N ALA A 172 -12.53 5.27 14.62
CA ALA A 172 -13.18 3.99 14.87
C ALA A 172 -12.20 3.08 15.58
N LYS A 173 -12.67 1.90 16.02
CA LYS A 173 -11.73 0.88 16.50
C LYS A 173 -11.25 0.06 15.30
N VAL A 174 -10.10 -0.58 15.46
CA VAL A 174 -9.51 -1.34 14.36
C VAL A 174 -8.85 -2.60 14.86
N ILE A 175 -9.18 -3.71 14.19
CA ILE A 175 -8.47 -4.96 14.36
C ILE A 175 -7.71 -5.17 13.07
N ALA A 176 -6.38 -5.19 13.18
CA ALA A 176 -5.54 -5.29 12.00
C ALA A 176 -4.84 -6.64 11.98
N ILE A 177 -4.96 -7.32 10.85
CA ILE A 177 -4.41 -8.65 10.72
C ILE A 177 -3.30 -8.65 9.68
N GLU A 178 -2.13 -9.14 10.08
CA GLU A 178 -1.00 -9.24 9.17
C GLU A 178 -0.32 -10.59 9.33
N LYS A 179 -0.25 -11.32 8.22
CA LYS A 179 0.33 -12.66 8.21
C LYS A 179 1.86 -12.68 8.40
N ASP A 180 2.59 -11.80 7.72
CA ASP A 180 4.05 -11.79 7.78
C ASP A 180 4.55 -11.22 9.10
N PRO A 181 5.43 -11.97 9.80
CA PRO A 181 5.94 -11.61 11.14
C PRO A 181 6.85 -10.38 11.10
N TYR A 182 7.62 -10.23 10.02
CA TYR A 182 8.49 -9.07 9.88
C TYR A 182 7.66 -7.80 9.66
N THR A 183 6.78 -7.87 8.67
CA THR A 183 5.86 -6.78 8.38
C THR A 183 5.11 -6.41 9.65
N PHE A 184 4.83 -7.44 10.44
CA PHE A 184 4.03 -7.29 11.64
C PHE A 184 4.70 -6.36 12.65
N LYS A 185 6.02 -6.48 12.79
CA LYS A 185 6.77 -5.63 13.74
C LYS A 185 6.51 -4.17 13.44
N PHE A 186 6.54 -3.83 12.16
CA PHE A 186 6.33 -2.45 11.75
C PHE A 186 4.91 -1.97 12.04
N LEU A 187 3.94 -2.85 11.77
CA LEU A 187 2.53 -2.55 12.01
C LEU A 187 2.34 -2.22 13.48
N VAL A 188 2.89 -3.09 14.34
CA VAL A 188 2.79 -2.89 15.78
C VAL A 188 3.43 -1.57 16.20
N GLU A 189 4.62 -1.30 15.67
CA GLU A 189 5.34 -0.08 15.98
C GLU A 189 4.57 1.14 15.47
N ASN A 190 4.06 1.04 14.26
CA ASN A 190 3.35 2.17 13.65
C ASN A 190 2.13 2.57 14.44
N ILE A 191 1.66 1.65 15.29
CA ILE A 191 0.49 1.90 16.10
C ILE A 191 0.82 2.83 17.26
N HIS A 192 1.95 2.57 17.91
CA HIS A 192 2.48 3.49 18.92
C HIS A 192 2.80 4.84 18.28
N LEU A 193 3.66 4.82 17.27
CA LEU A 193 4.10 6.04 16.61
C LEU A 193 2.96 7.02 16.33
N ASN A 194 1.76 6.49 16.13
CA ASN A 194 0.64 7.34 15.76
C ASN A 194 -0.32 7.60 16.93
N LYS A 195 0.05 7.08 18.09
CA LYS A 195 -0.76 7.23 19.30
C LYS A 195 -2.20 6.77 19.09
N VAL A 196 -2.35 5.47 18.84
CA VAL A 196 -3.67 4.87 18.69
C VAL A 196 -3.65 3.44 19.21
N GLU A 197 -2.67 3.13 20.07
CA GLU A 197 -2.59 1.80 20.66
C GLU A 197 -3.88 1.44 21.40
N ASP A 198 -4.55 2.47 21.90
CA ASP A 198 -5.79 2.31 22.64
C ASP A 198 -6.90 1.68 21.78
N ARG A 199 -7.10 2.21 20.58
CA ARG A 199 -8.23 1.80 19.75
C ARG A 199 -7.89 0.89 18.55
N MET A 200 -6.61 0.59 18.37
CA MET A 200 -6.19 -0.27 17.27
C MET A 200 -5.40 -1.46 17.79
N SER A 201 -5.83 -2.66 17.41
CA SER A 201 -5.16 -3.88 17.84
C SER A 201 -4.61 -4.63 16.63
N ALA A 202 -3.74 -5.60 16.87
CA ALA A 202 -3.02 -6.22 15.77
C ALA A 202 -2.74 -7.69 16.02
N TYR A 203 -2.95 -8.51 15.00
CA TYR A 203 -2.73 -9.94 15.12
C TYR A 203 -1.85 -10.49 14.01
N ASN A 204 -0.86 -11.27 14.39
CA ASN A 204 0.04 -11.88 13.43
C ASN A 204 -0.45 -13.30 13.10
N MET A 205 -1.44 -13.38 12.23
CA MET A 205 -1.99 -14.65 11.79
C MET A 205 -2.48 -14.48 10.37
N ASP A 206 -2.82 -15.60 9.72
CA ASP A 206 -3.57 -15.60 8.47
C ASP A 206 -5.00 -15.11 8.77
N ASN A 207 -5.57 -14.26 7.92
CA ASN A 207 -6.90 -13.75 8.22
C ASN A 207 -7.98 -14.86 8.29
N ARG A 208 -7.70 -15.99 7.66
CA ARG A 208 -8.65 -17.09 7.68
C ARG A 208 -8.82 -17.73 9.06
N ASP A 209 -7.82 -17.59 9.93
CA ASP A 209 -7.89 -18.17 11.27
C ASP A 209 -8.44 -17.16 12.27
N PHE A 210 -8.86 -16.01 11.78
CA PHE A 210 -9.39 -15.00 12.68
C PHE A 210 -10.67 -15.50 13.34
N PRO A 211 -10.61 -15.73 14.66
CA PRO A 211 -11.74 -16.20 15.46
C PRO A 211 -13.03 -15.41 15.23
N GLY A 212 -12.91 -14.11 14.97
CA GLY A 212 -14.07 -13.25 14.88
C GLY A 212 -15.15 -13.64 13.89
N GLU A 213 -16.38 -13.23 14.19
CA GLU A 213 -17.51 -13.46 13.31
C GLU A 213 -18.61 -12.45 13.61
N ASN A 214 -19.25 -11.92 12.57
CA ASN A 214 -20.21 -10.84 12.74
C ASN A 214 -19.77 -9.71 13.70
N ILE A 215 -18.51 -9.29 13.62
CA ILE A 215 -18.06 -8.13 14.41
C ILE A 215 -17.90 -6.85 13.59
N ALA A 216 -17.61 -7.01 12.30
CA ALA A 216 -17.14 -5.91 11.49
C ALA A 216 -18.25 -5.04 10.91
N ASP A 217 -18.16 -3.74 11.17
CA ASP A 217 -18.98 -2.76 10.48
C ASP A 217 -18.34 -2.38 9.16
N ARG A 218 -17.03 -2.61 9.06
CA ARG A 218 -16.28 -2.26 7.86
C ARG A 218 -15.07 -3.16 7.72
N ILE A 219 -14.86 -3.66 6.51
CA ILE A 219 -13.72 -4.54 6.28
C ILE A 219 -12.80 -3.99 5.20
N LEU A 220 -11.51 -4.01 5.49
CA LEU A 220 -10.52 -3.59 4.49
C LEU A 220 -9.90 -4.83 3.88
N MET A 221 -10.03 -4.96 2.55
CA MET A 221 -9.43 -6.04 1.80
C MET A 221 -8.43 -5.49 0.79
N GLY A 222 -7.44 -4.76 1.31
CA GLY A 222 -6.38 -4.18 0.50
C GLY A 222 -5.34 -5.20 0.08
N TYR A 223 -5.70 -6.04 -0.88
CA TYR A 223 -4.81 -7.08 -1.37
C TYR A 223 -5.27 -7.24 -2.80
N VAL A 224 -4.43 -7.77 -3.69
CA VAL A 224 -4.81 -7.76 -5.11
C VAL A 224 -4.49 -9.06 -5.83
N VAL A 225 -3.99 -10.03 -5.08
CA VAL A 225 -3.73 -11.35 -5.65
C VAL A 225 -4.95 -12.29 -5.48
N ARG A 226 -5.82 -12.33 -6.49
CA ARG A 226 -6.99 -13.20 -6.43
C ARG A 226 -7.64 -13.11 -5.06
N THR A 227 -8.15 -11.93 -4.76
CA THR A 227 -8.69 -11.57 -3.47
C THR A 227 -10.08 -12.18 -3.30
N HIS A 228 -10.70 -12.55 -4.42
CA HIS A 228 -12.01 -13.17 -4.38
C HIS A 228 -11.98 -14.41 -3.47
N GLU A 229 -10.80 -15.04 -3.38
CA GLU A 229 -10.62 -16.20 -2.53
C GLU A 229 -10.80 -15.93 -1.03
N PHE A 230 -10.90 -14.66 -0.65
CA PHE A 230 -11.03 -14.30 0.76
C PHE A 230 -12.41 -13.74 1.01
N ILE A 231 -13.18 -13.56 -0.06
CA ILE A 231 -14.55 -13.09 0.11
C ILE A 231 -15.31 -13.90 1.18
N PRO A 232 -15.19 -15.24 1.18
CA PRO A 232 -15.97 -15.97 2.19
C PRO A 232 -15.58 -15.63 3.62
N LYS A 233 -14.29 -15.62 3.96
CA LYS A 233 -13.91 -15.18 5.31
C LYS A 233 -14.38 -13.75 5.54
N ALA A 234 -14.28 -12.91 4.52
CA ALA A 234 -14.78 -11.55 4.65
C ALA A 234 -16.25 -11.53 5.09
N LEU A 235 -17.11 -12.20 4.34
CA LEU A 235 -18.54 -12.21 4.63
C LEU A 235 -18.78 -12.79 6.03
N SER A 236 -18.00 -13.76 6.42
CA SER A 236 -18.15 -14.26 7.77
C SER A 236 -17.85 -13.19 8.83
N ILE A 237 -16.75 -12.47 8.65
CA ILE A 237 -16.34 -11.47 9.63
C ILE A 237 -17.32 -10.30 9.67
N ALA A 238 -17.97 -10.03 8.53
CA ALA A 238 -18.89 -8.89 8.42
C ALA A 238 -20.13 -9.01 9.30
N LYS A 239 -20.69 -7.86 9.66
CA LYS A 239 -22.02 -7.79 10.22
C LYS A 239 -22.98 -7.53 9.05
N ASP A 240 -24.26 -7.81 9.24
CA ASP A 240 -25.24 -7.48 8.21
C ASP A 240 -25.24 -5.98 8.01
N GLY A 241 -25.04 -5.55 6.77
CA GLY A 241 -24.97 -4.13 6.47
C GLY A 241 -23.56 -3.55 6.41
N ALA A 242 -22.58 -4.27 6.95
CA ALA A 242 -21.18 -3.83 6.92
C ALA A 242 -20.71 -3.39 5.53
N ILE A 243 -19.78 -2.44 5.49
CA ILE A 243 -19.15 -2.04 4.24
C ILE A 243 -17.80 -2.73 4.01
N ILE A 244 -17.56 -3.16 2.79
CA ILE A 244 -16.33 -3.84 2.46
C ILE A 244 -15.59 -3.08 1.38
N HIS A 245 -14.37 -2.66 1.70
CA HIS A 245 -13.50 -2.07 0.69
C HIS A 245 -12.70 -3.21 0.09
N TYR A 246 -13.07 -3.56 -1.13
CA TYR A 246 -12.59 -4.78 -1.75
C TYR A 246 -11.69 -4.41 -2.92
N HIS A 247 -10.40 -4.64 -2.76
CA HIS A 247 -9.44 -4.37 -3.82
C HIS A 247 -9.24 -5.63 -4.60
N ASN A 248 -9.04 -5.49 -5.91
CA ASN A 248 -8.61 -6.61 -6.74
C ASN A 248 -7.96 -6.11 -8.02
N THR A 249 -7.34 -7.02 -8.77
CA THR A 249 -6.75 -6.69 -10.07
C THR A 249 -7.53 -7.36 -11.21
N VAL A 250 -8.30 -6.58 -11.94
CA VAL A 250 -9.09 -7.11 -13.04
C VAL A 250 -8.67 -6.57 -14.40
N PRO A 251 -8.58 -7.45 -15.43
CA PRO A 251 -8.34 -7.01 -16.81
C PRO A 251 -9.44 -6.06 -17.30
N GLU A 252 -9.09 -5.01 -18.04
CA GLU A 252 -10.10 -4.08 -18.53
C GLU A 252 -10.93 -4.68 -19.66
N LYS A 253 -10.44 -5.79 -20.22
CA LYS A 253 -11.28 -6.61 -21.11
C LYS A 253 -12.65 -6.83 -20.46
N LEU A 254 -12.65 -7.04 -19.14
CA LEU A 254 -13.82 -7.56 -18.44
C LEU A 254 -14.58 -6.52 -17.64
N MET A 255 -14.16 -5.27 -17.75
CA MET A 255 -14.85 -4.20 -17.04
C MET A 255 -15.92 -3.60 -17.93
N PRO A 256 -16.98 -3.04 -17.33
CA PRO A 256 -17.18 -2.90 -15.89
C PRO A 256 -17.95 -4.07 -15.27
N ARG A 257 -17.94 -5.23 -15.93
CA ARG A 257 -18.63 -6.38 -15.36
C ARG A 257 -17.92 -6.84 -14.10
N GLU A 258 -16.67 -7.25 -14.25
CA GLU A 258 -15.82 -7.59 -13.12
C GLU A 258 -15.21 -6.33 -12.47
N PRO A 259 -14.73 -6.45 -11.23
CA PRO A 259 -14.69 -7.72 -10.49
C PRO A 259 -15.98 -7.92 -9.71
N PHE A 260 -17.00 -7.10 -9.97
CA PHE A 260 -18.22 -7.17 -9.18
C PHE A 260 -19.03 -8.44 -9.41
N GLU A 261 -19.14 -8.87 -10.67
CA GLU A 261 -19.94 -10.05 -10.96
C GLU A 261 -19.43 -11.20 -10.08
N THR A 262 -18.13 -11.45 -10.14
CA THR A 262 -17.52 -12.49 -9.34
C THR A 262 -17.75 -12.30 -7.85
N PHE A 263 -17.62 -11.09 -7.33
CA PHE A 263 -17.92 -10.86 -5.93
C PHE A 263 -19.37 -11.26 -5.65
N LYS A 264 -20.23 -11.00 -6.63
CA LYS A 264 -21.68 -11.14 -6.50
C LYS A 264 -22.05 -12.62 -6.40
N ARG A 265 -21.54 -13.39 -7.34
CA ARG A 265 -21.80 -14.82 -7.42
C ARG A 265 -21.28 -15.60 -6.22
N ILE A 266 -20.09 -15.25 -5.76
CA ILE A 266 -19.52 -15.93 -4.61
C ILE A 266 -20.38 -15.67 -3.39
N THR A 267 -20.85 -14.43 -3.26
CA THR A 267 -21.74 -14.02 -2.19
C THR A 267 -23.05 -14.83 -2.22
N LYS A 268 -23.55 -15.10 -3.43
CA LYS A 268 -24.72 -15.93 -3.63
C LYS A 268 -24.52 -17.30 -2.98
N GLU A 269 -23.36 -17.90 -3.15
CA GLU A 269 -23.09 -19.21 -2.54
C GLU A 269 -23.45 -19.22 -1.05
N TYR A 270 -23.66 -18.05 -0.47
CA TYR A 270 -23.89 -17.97 0.97
C TYR A 270 -25.26 -17.40 1.27
N GLY A 271 -26.00 -17.09 0.20
CA GLY A 271 -27.38 -16.66 0.32
C GLY A 271 -27.46 -15.21 0.76
N TYR A 272 -26.31 -14.55 0.75
CA TYR A 272 -26.20 -13.16 1.09
C TYR A 272 -26.32 -12.31 -0.17
N ASP A 273 -26.68 -11.04 0.02
CA ASP A 273 -26.65 -10.07 -1.08
C ASP A 273 -25.67 -8.92 -0.85
N VAL A 274 -25.36 -8.23 -1.93
CA VAL A 274 -24.40 -7.14 -1.88
C VAL A 274 -24.83 -5.99 -2.78
N GLU A 275 -24.74 -4.77 -2.27
CA GLU A 275 -24.93 -3.62 -3.15
C GLU A 275 -23.62 -2.87 -3.42
N LYS A 276 -23.36 -2.60 -4.71
CA LYS A 276 -22.18 -1.84 -5.13
C LYS A 276 -22.32 -0.33 -4.92
N LEU A 277 -21.64 0.19 -3.91
CA LEU A 277 -21.74 1.60 -3.55
C LEU A 277 -20.79 2.52 -4.32
N ASN A 278 -19.84 1.95 -5.06
CA ASN A 278 -18.78 2.74 -5.65
C ASN A 278 -17.68 1.86 -6.23
N GLU A 279 -17.10 2.28 -7.35
CA GLU A 279 -15.96 1.55 -7.93
C GLU A 279 -14.83 2.47 -8.44
N LEU A 280 -13.83 2.71 -7.61
CA LEU A 280 -12.67 3.52 -7.99
C LEU A 280 -11.57 2.77 -8.73
N LYS A 281 -11.06 3.38 -9.78
CA LYS A 281 -9.85 2.87 -10.42
C LYS A 281 -8.61 3.42 -9.69
N ILE A 282 -7.50 2.69 -9.78
CA ILE A 282 -6.31 3.07 -9.03
C ILE A 282 -5.05 2.86 -9.86
N LYS A 283 -4.08 2.14 -9.30
CA LYS A 283 -2.86 1.80 -9.99
C LYS A 283 -3.18 0.96 -11.23
N ARG A 284 -3.86 1.57 -12.20
CA ARG A 284 -4.06 0.90 -13.49
C ARG A 284 -2.67 0.52 -13.99
N TYR A 285 -2.26 -0.71 -13.72
CA TYR A 285 -0.91 -1.12 -14.05
C TYR A 285 -0.94 -2.33 -14.96
N ALA A 286 -0.66 -2.09 -16.24
CA ALA A 286 -0.68 -3.10 -17.29
C ALA A 286 0.10 -4.39 -16.93
N PRO A 287 0.37 -5.24 -17.93
CA PRO A 287 -0.19 -5.23 -19.29
C PRO A 287 -1.67 -5.55 -19.28
N GLY A 288 -2.51 -4.52 -19.33
CA GLY A 288 -3.93 -4.68 -19.57
C GLY A 288 -4.82 -4.84 -18.34
N VAL A 289 -4.21 -4.85 -17.16
CA VAL A 289 -4.95 -5.12 -15.92
C VAL A 289 -5.01 -3.91 -14.97
N TRP A 290 -6.21 -3.55 -14.54
CA TRP A 290 -6.37 -2.51 -13.54
C TRP A 290 -6.17 -3.00 -12.11
N HIS A 291 -6.20 -2.05 -11.19
CA HIS A 291 -6.23 -2.32 -9.76
C HIS A 291 -7.37 -1.43 -9.33
N VAL A 292 -8.48 -2.03 -8.92
CA VAL A 292 -9.63 -1.23 -8.54
C VAL A 292 -9.96 -1.48 -7.10
N VAL A 293 -10.76 -0.59 -6.52
CA VAL A 293 -11.35 -0.83 -5.23
C VAL A 293 -12.86 -0.60 -5.32
N LEU A 294 -13.63 -1.61 -4.90
CA LEU A 294 -15.09 -1.49 -4.91
C LEU A 294 -15.55 -1.31 -3.48
N ASP A 295 -16.46 -0.36 -3.26
CA ASP A 295 -17.10 -0.27 -1.96
C ASP A 295 -18.41 -1.01 -2.08
N LEU A 296 -18.67 -1.89 -1.12
CA LEU A 296 -19.79 -2.79 -1.25
C LEU A 296 -20.43 -2.92 0.09
N ARG A 297 -21.76 -2.96 0.09
CA ARG A 297 -22.45 -3.32 1.31
C ARG A 297 -23.07 -4.70 1.18
N VAL A 298 -22.90 -5.49 2.23
CA VAL A 298 -23.40 -6.84 2.22
C VAL A 298 -24.54 -6.98 3.21
N PHE A 299 -25.50 -7.83 2.86
CA PHE A 299 -26.62 -8.09 3.76
C PHE A 299 -26.73 -9.58 3.98
N LYS A 300 -26.73 -9.97 5.24
CA LYS A 300 -26.65 -11.37 5.62
C LYS A 300 -28.02 -12.04 5.50
N SER A 301 -28.71 -11.70 4.39
CA SER A 301 -29.84 -12.43 3.81
C SER A 301 -30.74 -11.51 2.98
N SAM B . 1.28 -2.24 -1.81
CA SAM B . 0.05 -1.67 -1.25
C SAM B . 0.23 -0.15 -1.04
O SAM B . 1.22 0.41 -1.52
OXT SAM B . -0.60 0.56 -0.43
CB SAM B . -0.48 -2.49 -0.05
CG SAM B . 0.04 -3.92 0.13
SD SAM B . -0.50 -4.74 1.67
CE SAM B . 0.97 -4.47 2.69
C5' SAM B . -0.49 -6.57 1.44
C4' SAM B . -0.27 -7.35 2.76
O4' SAM B . -1.19 -8.42 3.01
C3' SAM B . 1.12 -7.97 2.95
O3' SAM B . 1.70 -7.38 4.09
C2' SAM B . 0.90 -9.43 3.30
O2' SAM B . 1.75 -9.84 4.35
C1' SAM B . -0.52 -9.43 3.79
N9 SAM B . -1.20 -10.74 3.66
C8 SAM B . -1.17 -11.55 2.56
N7 SAM B . -1.95 -12.64 2.83
C5 SAM B . -2.46 -12.51 4.07
C6 SAM B . -3.31 -13.32 4.84
N6 SAM B . -3.76 -14.48 4.35
N1 SAM B . -3.66 -12.94 6.11
C2 SAM B . -3.19 -11.74 6.62
N3 SAM B . -2.36 -10.94 5.86
C4 SAM B . -1.99 -11.33 4.61
#